data_4DWO
#
_entry.id   4DWO
#
_cell.length_a   35.696
_cell.length_b   68.178
_cell.length_c   96.645
_cell.angle_alpha   90.000
_cell.angle_beta   90.000
_cell.angle_gamma   90.000
#
_symmetry.space_group_name_H-M   'P 21 21 21'
#
loop_
_entity.id
_entity.type
_entity.pdbx_description
1 polymer 'Haloacid dehalogenase-like hydrolase'
2 non-polymer 'MAGNESIUM ION'
3 non-polymer GLYCEROL
4 water water
#
_entity_poly.entity_id   1
_entity_poly.type   'polypeptide(L)'
_entity_poly.pdbx_seq_one_letter_code
;MSLKYKLIVLDLDGTLTNSKKEISSRNRETLIRIQEQGIRLVLASGRPTYGIVPLANELRMNEFGGFILSYNGGEIINWE
SKEMMYENVLPNEVVPVLYECARTNHLSILTYDGAEIVTENSLDPYVQKEAFLNKMAIRETNDFLTDITLPVAKCLIVGD
AGKLIPVESELCIRLQGKINVFRSEPYFLELVPQGIDKALSLSVLLENIGMTREEVIAIGDGYNDLSMIKFAGMGVAMGN
AQEPVKKAADYITLTNDEDGVAEAIERIFNVEGHHHHHH
;
_entity_poly.pdbx_strand_id   A
#
loop_
_chem_comp.id
_chem_comp.type
_chem_comp.name
_chem_comp.formula
GOL non-polymer GLYCEROL 'C3 H8 O3'
MG non-polymer 'MAGNESIUM ION' 'Mg 2'
#
# COMPACT_ATOMS: atom_id res chain seq x y z
N LYS A 4 -16.20 -14.97 15.54
CA LYS A 4 -16.47 -13.56 15.34
C LYS A 4 -15.58 -13.06 14.19
N TYR A 5 -14.37 -12.62 14.52
CA TYR A 5 -13.48 -12.07 13.51
C TYR A 5 -12.89 -13.16 12.64
N LYS A 6 -12.81 -12.89 11.35
CA LYS A 6 -12.33 -13.88 10.39
C LYS A 6 -11.23 -13.38 9.50
N LEU A 7 -10.90 -12.08 9.55
CA LEU A 7 -9.95 -11.55 8.59
C LEU A 7 -9.18 -10.45 9.29
N ILE A 8 -7.87 -10.39 9.07
CA ILE A 8 -7.04 -9.31 9.59
C ILE A 8 -6.38 -8.62 8.42
N VAL A 9 -6.50 -7.29 8.36
CA VAL A 9 -5.88 -6.48 7.31
C VAL A 9 -4.77 -5.63 7.96
N LEU A 10 -3.55 -5.72 7.42
CA LEU A 10 -2.43 -4.97 7.95
C LEU A 10 -1.83 -4.02 6.94
N ASP A 11 -1.62 -2.76 7.33
CA ASP A 11 -0.70 -1.86 6.64
C ASP A 11 0.74 -2.45 6.84
N LEU A 12 1.67 -2.06 5.95
CA LEU A 12 3.07 -2.47 6.04
C LEU A 12 3.93 -1.46 6.76
N ASP A 13 4.24 -0.35 6.14
CA ASP A 13 5.22 0.59 6.67
C ASP A 13 4.64 1.27 7.88
N GLY A 14 5.34 1.18 9.00
CA GLY A 14 4.89 1.78 10.24
C GLY A 14 3.92 0.90 11.02
N THR A 15 3.58 -0.25 10.46
CA THR A 15 2.58 -1.13 11.10
C THR A 15 3.12 -2.54 11.25
N LEU A 16 3.10 -3.35 10.18
CA LEU A 16 3.66 -4.71 10.28
C LEU A 16 5.20 -4.68 10.38
N THR A 17 5.87 -3.83 9.61
CA THR A 17 7.32 -3.84 9.65
C THR A 17 7.83 -2.86 10.70
N ASN A 18 8.98 -3.20 11.25
CA ASN A 18 9.66 -2.35 12.22
C ASN A 18 10.47 -1.23 11.53
N SER A 19 11.26 -0.51 12.29
CA SER A 19 12.05 0.60 11.78
C SER A 19 13.13 0.14 10.78
N LYS A 20 13.50 -1.12 10.86
CA LYS A 20 14.41 -1.72 9.90
C LYS A 20 13.70 -2.20 8.64
N LYS A 21 12.37 -1.97 8.55
CA LYS A 21 11.50 -2.46 7.47
C LYS A 21 11.48 -3.97 7.36
N GLU A 22 11.69 -4.64 8.50
CA GLU A 22 11.60 -6.11 8.58
C GLU A 22 10.44 -6.54 9.42
N ILE A 23 10.06 -7.81 9.30
CA ILE A 23 9.04 -8.39 10.16
C ILE A 23 9.72 -9.12 11.29
N SER A 24 9.36 -8.77 12.52
CA SER A 24 10.00 -9.38 13.64
C SER A 24 9.62 -10.84 13.70
N SER A 25 10.42 -11.65 14.40
N SER A 25 10.43 -11.64 14.40
CA SER A 25 10.07 -13.06 14.55
CA SER A 25 10.10 -13.05 14.61
C SER A 25 8.75 -13.23 15.30
C SER A 25 8.75 -13.20 15.28
N ARG A 26 8.49 -12.39 16.30
CA ARG A 26 7.21 -12.47 17.01
C ARG A 26 6.02 -12.17 16.11
N ASN A 27 6.12 -11.10 15.30
CA ASN A 27 5.00 -10.81 14.40
C ASN A 27 4.87 -11.96 13.39
N ARG A 28 5.97 -12.46 12.85
CA ARG A 28 5.91 -13.51 11.83
C ARG A 28 5.24 -14.74 12.39
N GLU A 29 5.66 -15.15 13.58
CA GLU A 29 5.19 -16.42 14.15
C GLU A 29 3.76 -16.32 14.61
N THR A 30 3.35 -15.15 15.16
CA THR A 30 1.96 -14.98 15.56
C THR A 30 1.05 -14.93 14.32
N LEU A 31 1.51 -14.30 13.25
CA LEU A 31 0.69 -14.26 12.03
C LEU A 31 0.62 -15.60 11.31
N ILE A 32 1.66 -16.43 11.31
CA ILE A 32 1.54 -17.76 10.71
C ILE A 32 0.57 -18.56 11.55
N ARG A 33 0.72 -18.49 12.87
CA ARG A 33 -0.20 -19.21 13.75
C ARG A 33 -1.67 -18.85 13.58
N ILE A 34 -1.98 -17.56 13.49
CA ILE A 34 -3.38 -17.21 13.44
C ILE A 34 -3.96 -17.63 12.07
N GLN A 35 -3.13 -17.63 11.03
CA GLN A 35 -3.55 -18.17 9.72
C GLN A 35 -3.76 -19.66 9.77
N GLU A 36 -2.85 -20.41 10.44
CA GLU A 36 -3.00 -21.87 10.55
C GLU A 36 -4.29 -22.21 11.31
N GLN A 37 -4.65 -21.30 12.22
CA GLN A 37 -5.91 -21.41 12.95
C GLN A 37 -7.16 -21.01 12.18
N GLY A 38 -7.01 -20.53 10.96
CA GLY A 38 -8.14 -20.23 10.09
C GLY A 38 -8.47 -18.77 9.83
N ILE A 39 -7.72 -17.86 10.40
CA ILE A 39 -7.97 -16.44 10.14
C ILE A 39 -7.24 -16.03 8.87
N ARG A 40 -7.91 -15.34 7.96
CA ARG A 40 -7.27 -14.96 6.68
C ARG A 40 -6.59 -13.60 6.83
N LEU A 41 -5.43 -13.40 6.18
CA LEU A 41 -4.66 -12.21 6.32
C LEU A 41 -4.68 -11.44 5.01
N VAL A 42 -4.73 -10.11 5.09
CA VAL A 42 -4.62 -9.22 3.97
C VAL A 42 -3.48 -8.27 4.23
N LEU A 43 -2.58 -8.09 3.28
CA LEU A 43 -1.60 -6.99 3.38
C LEU A 43 -2.06 -5.86 2.49
N ALA A 44 -2.18 -4.64 3.04
CA ALA A 44 -2.77 -3.52 2.28
C ALA A 44 -1.82 -2.39 2.32
N SER A 45 -1.34 -1.94 1.15
CA SER A 45 -0.27 -0.96 1.10
C SER A 45 -0.31 -0.13 -0.19
N GLY A 46 0.30 1.05 -0.16
CA GLY A 46 0.54 1.82 -1.38
C GLY A 46 1.58 1.18 -2.29
N ARG A 47 2.44 0.37 -1.71
CA ARG A 47 3.51 -0.31 -2.48
C ARG A 47 3.02 -1.03 -3.73
N PRO A 48 3.86 -1.08 -4.76
CA PRO A 48 3.58 -1.96 -5.91
C PRO A 48 3.58 -3.40 -5.44
N THR A 49 2.88 -4.29 -6.13
CA THR A 49 2.78 -5.69 -5.71
C THR A 49 4.14 -6.32 -5.45
N TYR A 50 5.10 -6.02 -6.32
N TYR A 50 5.10 -6.01 -6.32
CA TYR A 50 6.45 -6.59 -6.21
CA TYR A 50 6.44 -6.56 -6.19
C TYR A 50 7.09 -6.24 -4.88
C TYR A 50 7.02 -6.27 -4.83
N GLY A 51 6.70 -5.10 -4.30
CA GLY A 51 7.28 -4.65 -3.03
C GLY A 51 6.65 -5.32 -1.81
N ILE A 52 5.53 -6.01 -2.03
CA ILE A 52 4.77 -6.61 -0.95
C ILE A 52 5.00 -8.10 -0.95
N VAL A 53 5.25 -8.66 -2.13
CA VAL A 53 5.46 -10.11 -2.30
C VAL A 53 6.42 -10.81 -1.31
N PRO A 54 7.64 -10.27 -1.09
CA PRO A 54 8.52 -10.94 -0.16
C PRO A 54 7.92 -11.09 1.22
N LEU A 55 7.17 -10.08 1.66
N LEU A 55 7.14 -10.10 1.64
CA LEU A 55 6.53 -10.13 2.98
CA LEU A 55 6.53 -10.14 2.96
C LEU A 55 5.37 -11.13 3.00
C LEU A 55 5.39 -11.15 2.99
N ALA A 56 4.58 -11.17 1.93
CA ALA A 56 3.49 -12.14 1.83
C ALA A 56 4.01 -13.56 1.85
N ASN A 57 5.12 -13.80 1.14
CA ASN A 57 5.72 -15.12 1.15
C ASN A 57 6.31 -15.46 2.52
N GLU A 58 6.96 -14.50 3.18
CA GLU A 58 7.49 -14.73 4.53
C GLU A 58 6.38 -15.17 5.50
N LEU A 59 5.19 -14.60 5.32
CA LEU A 59 4.03 -14.91 6.17
C LEU A 59 3.25 -16.12 5.67
N ARG A 60 3.77 -16.76 4.62
CA ARG A 60 3.17 -17.96 4.04
C ARG A 60 1.72 -17.75 3.64
N MET A 61 1.38 -16.55 3.20
CA MET A 61 0.00 -16.26 2.85
C MET A 61 -0.49 -17.05 1.66
N ASN A 62 0.44 -17.53 0.86
CA ASN A 62 0.16 -18.34 -0.32
C ASN A 62 -0.36 -19.73 0.12
N GLU A 63 -0.13 -20.07 1.39
CA GLU A 63 -0.58 -21.35 1.95
C GLU A 63 -1.90 -21.28 2.72
N PHE A 64 -2.38 -20.08 2.99
CA PHE A 64 -3.48 -19.85 3.93
C PHE A 64 -4.52 -18.88 3.36
N GLY A 65 -4.60 -18.82 2.03
CA GLY A 65 -5.63 -18.04 1.39
C GLY A 65 -5.54 -16.55 1.62
N GLY A 66 -4.34 -16.01 1.74
CA GLY A 66 -4.23 -14.58 2.00
C GLY A 66 -4.41 -13.72 0.77
N PHE A 67 -4.60 -12.42 0.97
CA PHE A 67 -4.77 -11.48 -0.13
C PHE A 67 -3.77 -10.35 -0.05
N ILE A 68 -3.33 -9.86 -1.21
CA ILE A 68 -2.54 -8.61 -1.26
C ILE A 68 -3.41 -7.51 -1.88
N LEU A 69 -3.48 -6.38 -1.20
CA LEU A 69 -4.09 -5.15 -1.72
C LEU A 69 -2.92 -4.20 -1.96
N SER A 70 -2.52 -4.09 -3.22
CA SER A 70 -1.34 -3.29 -3.56
C SER A 70 -1.77 -2.00 -4.25
N TYR A 71 -0.84 -1.08 -4.45
CA TYR A 71 -1.13 0.18 -5.12
C TYR A 71 -2.29 0.92 -4.45
N ASN A 72 -2.31 0.91 -3.12
N ASN A 72 -2.28 0.96 -3.11
CA ASN A 72 -3.30 1.68 -2.38
CA ASN A 72 -3.30 1.61 -2.25
C ASN A 72 -4.69 1.06 -2.47
C ASN A 72 -4.69 1.02 -2.41
N GLY A 73 -4.75 -0.19 -2.95
CA GLY A 73 -6.04 -0.83 -3.20
C GLY A 73 -6.38 -1.01 -4.67
N GLY A 74 -5.55 -0.51 -5.55
CA GLY A 74 -5.80 -0.58 -6.98
C GLY A 74 -5.77 -2.01 -7.50
N GLU A 75 -5.05 -2.91 -6.84
CA GLU A 75 -5.09 -4.30 -7.24
C GLU A 75 -5.39 -5.12 -6.00
N ILE A 76 -6.18 -6.16 -6.20
CA ILE A 76 -6.39 -7.16 -5.15
C ILE A 76 -6.08 -8.51 -5.75
N ILE A 77 -5.16 -9.26 -5.15
CA ILE A 77 -4.79 -10.59 -5.64
C ILE A 77 -4.97 -11.61 -4.53
N ASN A 78 -5.51 -12.76 -4.88
CA ASN A 78 -5.53 -13.90 -3.97
C ASN A 78 -4.15 -14.52 -4.03
N TRP A 79 -3.40 -14.49 -2.90
CA TRP A 79 -2.02 -14.88 -2.97
C TRP A 79 -1.86 -16.39 -2.99
N GLU A 80 -2.90 -17.15 -2.67
CA GLU A 80 -2.79 -18.59 -2.83
C GLU A 80 -3.03 -19.04 -4.28
N SER A 81 -4.10 -18.57 -4.89
CA SER A 81 -4.37 -18.96 -6.28
C SER A 81 -3.66 -18.10 -7.36
N LYS A 82 -3.18 -16.92 -6.95
CA LYS A 82 -2.64 -15.86 -7.84
C LYS A 82 -3.67 -15.26 -8.77
N GLU A 83 -4.95 -15.48 -8.46
CA GLU A 83 -6.02 -14.87 -9.25
C GLU A 83 -6.21 -13.39 -8.91
N MET A 84 -6.20 -12.56 -9.95
N MET A 84 -6.24 -12.59 -9.96
CA MET A 84 -6.46 -11.13 -9.80
CA MET A 84 -6.52 -11.16 -9.87
C MET A 84 -7.95 -10.88 -9.64
C MET A 84 -8.00 -10.93 -9.64
N MET A 85 -8.35 -10.36 -8.49
CA MET A 85 -9.75 -10.12 -8.16
C MET A 85 -10.23 -8.73 -8.59
N TYR A 86 -9.34 -7.74 -8.52
CA TYR A 86 -9.78 -6.35 -8.74
C TYR A 86 -8.55 -5.76 -9.32
N GLU A 87 -8.67 -5.08 -10.44
N GLU A 87 -8.73 -5.02 -10.41
CA GLU A 87 -7.52 -4.37 -10.92
CA GLU A 87 -7.61 -4.46 -11.14
C GLU A 87 -7.95 -3.13 -11.65
C GLU A 87 -8.02 -3.10 -11.64
N ASN A 88 -7.17 -2.10 -11.41
CA ASN A 88 -7.46 -0.76 -11.86
C ASN A 88 -6.16 -0.13 -12.35
N VAL A 89 -6.24 0.69 -13.37
CA VAL A 89 -5.10 1.37 -13.93
C VAL A 89 -5.44 2.85 -14.15
N LEU A 90 -4.41 3.67 -14.23
CA LEU A 90 -4.56 5.06 -14.64
C LEU A 90 -5.03 5.12 -16.08
N PRO A 91 -5.85 6.13 -16.41
CA PRO A 91 -6.17 6.42 -17.82
C PRO A 91 -4.88 6.74 -18.54
N ASN A 92 -4.61 6.11 -19.66
CA ASN A 92 -3.32 6.37 -20.32
C ASN A 92 -3.10 7.84 -20.65
N GLU A 93 -4.17 8.51 -21.03
CA GLU A 93 -4.01 9.88 -21.45
C GLU A 93 -3.59 10.84 -20.36
N VAL A 94 -3.71 10.46 -19.08
N VAL A 94 -3.69 10.44 -19.08
CA VAL A 94 -3.22 11.34 -18.00
CA VAL A 94 -3.22 11.28 -17.97
C VAL A 94 -1.71 11.23 -17.81
C VAL A 94 -1.71 11.23 -17.81
N VAL A 95 -1.09 10.14 -18.25
CA VAL A 95 0.33 9.91 -17.99
C VAL A 95 1.23 11.03 -18.55
N PRO A 96 1.00 11.50 -19.80
CA PRO A 96 1.82 12.63 -20.29
C PRO A 96 1.66 13.93 -19.51
N VAL A 97 0.49 14.13 -18.87
CA VAL A 97 0.27 15.32 -18.08
C VAL A 97 1.08 15.20 -16.77
N LEU A 98 1.08 14.02 -16.17
CA LEU A 98 1.95 13.76 -15.01
C LEU A 98 3.41 13.98 -15.36
N TYR A 99 3.85 13.36 -16.44
CA TYR A 99 5.23 13.54 -16.94
C TYR A 99 5.62 14.99 -17.18
N GLU A 100 4.78 15.73 -17.91
CA GLU A 100 5.08 17.14 -18.19
C GLU A 100 5.12 17.98 -16.92
N CYS A 101 4.27 17.70 -15.91
CA CYS A 101 4.29 18.48 -14.66
C CYS A 101 5.60 18.23 -13.90
N ALA A 102 5.99 16.96 -13.78
CA ALA A 102 7.26 16.59 -13.15
C ALA A 102 8.42 17.30 -13.88
N ARG A 103 8.44 17.15 -15.20
CA ARG A 103 9.48 17.75 -16.02
C ARG A 103 9.61 19.25 -15.73
N THR A 104 8.49 19.97 -15.83
CA THR A 104 8.47 21.41 -15.65
C THR A 104 8.95 21.86 -14.26
N ASN A 105 8.65 21.03 -13.26
CA ASN A 105 9.06 21.30 -11.89
C ASN A 105 10.41 20.68 -11.51
N HIS A 106 11.09 20.12 -12.53
CA HIS A 106 12.39 19.45 -12.38
C HIS A 106 12.39 18.41 -11.25
N LEU A 107 11.36 17.57 -11.22
CA LEU A 107 11.28 16.47 -10.28
C LEU A 107 11.20 15.18 -11.08
N SER A 108 11.68 14.10 -10.49
CA SER A 108 11.62 12.80 -11.16
C SER A 108 10.20 12.19 -11.08
N ILE A 109 9.77 11.55 -12.17
CA ILE A 109 8.58 10.69 -12.15
C ILE A 109 9.02 9.24 -12.32
N LEU A 110 8.31 8.31 -11.67
CA LEU A 110 8.60 6.90 -11.89
C LEU A 110 7.29 6.11 -12.02
N THR A 111 7.39 4.92 -12.61
CA THR A 111 6.28 3.98 -12.58
C THR A 111 6.90 2.58 -12.53
N TYR A 112 6.09 1.54 -12.74
CA TYR A 112 6.48 0.18 -12.47
C TYR A 112 6.19 -0.62 -13.74
N ASP A 113 7.11 -1.50 -14.11
CA ASP A 113 6.95 -2.32 -15.32
C ASP A 113 7.48 -3.69 -14.97
N GLY A 114 6.59 -4.60 -14.66
CA GLY A 114 7.02 -5.88 -14.13
C GLY A 114 7.91 -5.72 -12.90
N ALA A 115 9.12 -6.29 -12.97
CA ALA A 115 10.03 -6.27 -11.82
C ALA A 115 10.79 -4.96 -11.64
N GLU A 116 10.61 -4.02 -12.56
CA GLU A 116 11.47 -2.83 -12.56
C GLU A 116 10.72 -1.55 -12.24
N ILE A 117 11.43 -0.62 -11.62
CA ILE A 117 11.00 0.78 -11.62
C ILE A 117 11.53 1.46 -12.84
N VAL A 118 10.71 2.23 -13.53
CA VAL A 118 11.16 2.96 -14.73
C VAL A 118 11.12 4.45 -14.43
N THR A 119 12.19 5.18 -14.78
CA THR A 119 12.32 6.63 -14.52
C THR A 119 13.34 7.19 -15.45
N GLU A 120 13.35 8.51 -15.58
CA GLU A 120 14.42 9.16 -16.34
C GLU A 120 15.60 9.52 -15.45
N ASN A 121 15.51 9.39 -14.14
CA ASN A 121 16.69 9.72 -13.32
C ASN A 121 16.92 8.69 -12.21
N SER A 122 17.75 7.69 -12.51
CA SER A 122 18.11 6.68 -11.55
C SER A 122 19.07 7.18 -10.47
N LEU A 123 19.56 8.41 -10.61
CA LEU A 123 20.49 8.98 -9.64
C LEU A 123 19.79 9.87 -8.62
N ASP A 124 18.47 10.04 -8.75
CA ASP A 124 17.69 10.80 -7.77
C ASP A 124 17.56 9.98 -6.46
N PRO A 125 18.04 10.51 -5.35
CA PRO A 125 17.95 9.75 -4.10
C PRO A 125 16.55 9.29 -3.73
N TYR A 126 15.54 10.04 -4.15
CA TYR A 126 14.18 9.62 -3.77
C TYR A 126 13.72 8.47 -4.62
N VAL A 127 14.13 8.46 -5.88
CA VAL A 127 13.85 7.29 -6.72
C VAL A 127 14.57 6.07 -6.12
N GLN A 128 15.84 6.26 -5.75
CA GLN A 128 16.57 5.19 -5.09
C GLN A 128 15.92 4.70 -3.81
N LYS A 129 15.30 5.60 -3.06
CA LYS A 129 14.59 5.20 -1.86
C LYS A 129 13.45 4.21 -2.16
N GLU A 130 12.65 4.52 -3.20
CA GLU A 130 11.51 3.67 -3.53
C GLU A 130 11.98 2.33 -4.03
N ALA A 131 13.07 2.34 -4.81
CA ALA A 131 13.64 1.07 -5.28
C ALA A 131 14.16 0.19 -4.17
N PHE A 132 14.87 0.80 -3.23
CA PHE A 132 15.42 0.08 -2.08
C PHE A 132 14.32 -0.52 -1.25
N LEU A 133 13.27 0.26 -1.01
CA LEU A 133 12.18 -0.18 -0.14
C LEU A 133 11.46 -1.39 -0.73
N ASN A 134 11.26 -1.34 -2.05
CA ASN A 134 10.51 -2.36 -2.74
C ASN A 134 11.40 -3.47 -3.33
N LYS A 135 12.71 -3.36 -3.12
CA LYS A 135 13.72 -4.24 -3.70
C LYS A 135 13.57 -4.45 -5.19
N MET A 136 13.44 -3.36 -5.94
CA MET A 136 13.21 -3.44 -7.38
C MET A 136 14.35 -2.77 -8.05
N ALA A 137 14.86 -3.40 -9.12
CA ALA A 137 15.83 -2.76 -10.02
C ALA A 137 15.23 -1.55 -10.69
N ILE A 138 16.09 -0.57 -10.96
CA ILE A 138 15.72 0.64 -11.71
C ILE A 138 16.20 0.53 -13.13
N ARG A 139 15.29 0.76 -14.06
CA ARG A 139 15.62 0.85 -15.45
C ARG A 139 15.45 2.31 -15.83
N GLU A 140 16.56 2.95 -16.21
CA GLU A 140 16.51 4.33 -16.54
C GLU A 140 16.27 4.45 -18.05
N THR A 141 15.51 5.47 -18.42
CA THR A 141 15.23 5.76 -19.82
C THR A 141 15.37 7.24 -20.10
N ASN A 142 15.53 7.60 -21.36
CA ASN A 142 15.51 8.99 -21.76
CA ASN A 142 15.47 9.00 -21.74
C ASN A 142 14.22 9.33 -22.47
N ASP A 143 13.30 8.38 -22.48
CA ASP A 143 12.00 8.65 -23.08
C ASP A 143 10.98 7.86 -22.33
N PHE A 144 10.59 8.42 -21.19
CA PHE A 144 9.66 7.79 -20.26
C PHE A 144 8.39 7.32 -20.94
N LEU A 145 7.76 8.19 -21.73
CA LEU A 145 6.47 7.83 -22.30
C LEU A 145 6.60 6.69 -23.34
N THR A 146 7.72 6.63 -24.02
CA THR A 146 7.93 5.57 -25.02
C THR A 146 8.33 4.24 -24.39
N ASP A 147 9.00 4.29 -23.25
CA ASP A 147 9.62 3.09 -22.70
C ASP A 147 8.87 2.39 -21.60
N ILE A 148 7.73 2.92 -21.20
CA ILE A 148 6.95 2.21 -20.22
C ILE A 148 5.92 1.38 -20.95
N THR A 149 5.44 0.35 -20.27
CA THR A 149 4.34 -0.46 -20.77
C THR A 149 3.04 0.06 -20.16
N LEU A 150 2.15 0.51 -21.01
CA LEU A 150 0.85 1.00 -20.53
C LEU A 150 -0.16 -0.12 -20.66
N PRO A 151 -1.23 -0.12 -19.84
CA PRO A 151 -1.49 0.86 -18.78
C PRO A 151 -0.72 0.52 -17.51
N VAL A 152 -0.62 1.52 -16.65
CA VAL A 152 0.09 1.34 -15.39
C VAL A 152 -0.83 1.51 -14.26
N ALA A 153 -0.53 0.81 -13.16
CA ALA A 153 -1.39 0.88 -12.00
C ALA A 153 -1.25 2.19 -11.23
N LYS A 154 -0.05 2.76 -11.28
CA LYS A 154 0.20 4.00 -10.55
C LYS A 154 1.51 4.63 -11.05
N CYS A 155 1.60 5.96 -10.88
CA CYS A 155 2.90 6.65 -11.01
C CYS A 155 3.23 7.30 -9.69
N LEU A 156 4.49 7.67 -9.53
CA LEU A 156 4.88 8.45 -8.41
C LEU A 156 5.73 9.60 -8.88
N ILE A 157 5.50 10.79 -8.34
CA ILE A 157 6.44 11.89 -8.52
C ILE A 157 7.10 12.07 -7.18
N VAL A 158 8.40 12.28 -7.18
CA VAL A 158 9.14 12.33 -5.92
C VAL A 158 10.02 13.58 -5.77
N GLY A 159 10.26 13.98 -4.53
CA GLY A 159 11.11 15.13 -4.29
C GLY A 159 10.87 15.74 -2.93
N ASP A 160 11.69 16.74 -2.57
CA ASP A 160 11.53 17.42 -1.28
C ASP A 160 10.11 17.96 -1.18
N ALA A 161 9.53 17.85 0.01
CA ALA A 161 8.15 18.27 0.19
C ALA A 161 7.91 19.70 -0.31
N GLY A 162 8.85 20.59 -0.05
CA GLY A 162 8.72 21.97 -0.47
C GLY A 162 8.53 22.14 -1.96
N LYS A 163 9.18 21.28 -2.74
CA LYS A 163 9.04 21.29 -4.19
C LYS A 163 7.82 20.45 -4.66
N LEU A 164 7.54 19.39 -3.91
CA LEU A 164 6.48 18.45 -4.27
C LEU A 164 5.06 18.94 -3.99
N ILE A 165 4.84 19.69 -2.91
CA ILE A 165 3.51 20.19 -2.59
C ILE A 165 2.92 21.06 -3.74
N PRO A 166 3.74 21.97 -4.36
CA PRO A 166 3.08 22.73 -5.44
C PRO A 166 2.69 21.84 -6.67
N VAL A 167 3.45 20.78 -6.92
CA VAL A 167 3.09 19.80 -7.95
C VAL A 167 1.78 19.09 -7.57
N GLU A 168 1.69 18.67 -6.31
CA GLU A 168 0.42 18.13 -5.80
C GLU A 168 -0.73 19.09 -6.04
N SER A 169 -0.56 20.36 -5.64
CA SER A 169 -1.64 21.31 -5.82
C SER A 169 -2.05 21.48 -7.29
N GLU A 170 -1.03 21.63 -8.18
CA GLU A 170 -1.28 21.87 -9.61
C GLU A 170 -2.02 20.71 -10.29
N LEU A 171 -1.60 19.48 -10.00
CA LEU A 171 -2.25 18.28 -10.56
C LEU A 171 -3.63 18.11 -9.94
N CYS A 172 -3.82 18.46 -8.67
CA CYS A 172 -5.18 18.31 -8.13
C CYS A 172 -6.16 19.17 -8.89
N ILE A 173 -5.76 20.40 -9.22
CA ILE A 173 -6.61 21.30 -9.99
C ILE A 173 -6.78 20.87 -11.44
N ARG A 174 -5.69 20.59 -12.13
CA ARG A 174 -5.71 20.33 -13.57
C ARG A 174 -6.42 19.04 -13.91
N LEU A 175 -6.31 18.05 -13.04
CA LEU A 175 -6.82 16.74 -13.40
C LEU A 175 -8.31 16.56 -13.15
N GLN A 176 -8.99 17.54 -12.54
CA GLN A 176 -10.46 17.50 -12.45
C GLN A 176 -11.03 16.20 -11.83
N GLY A 177 -10.29 15.61 -10.91
CA GLY A 177 -10.78 14.41 -10.23
C GLY A 177 -10.62 13.13 -11.01
N LYS A 178 -9.97 13.22 -12.16
CA LYS A 178 -9.86 12.05 -13.05
C LYS A 178 -9.05 10.93 -12.41
N ILE A 179 -8.07 11.28 -11.57
CA ILE A 179 -7.28 10.29 -10.84
C ILE A 179 -7.17 10.79 -9.39
N ASN A 180 -6.73 9.91 -8.49
CA ASN A 180 -6.48 10.23 -7.06
C ASN A 180 -5.04 10.72 -6.95
N VAL A 181 -4.85 11.86 -6.33
CA VAL A 181 -3.54 12.51 -6.13
C VAL A 181 -3.34 12.82 -4.65
N PHE A 182 -2.28 12.27 -4.05
CA PHE A 182 -2.07 12.49 -2.61
C PHE A 182 -0.64 12.06 -2.26
N ARG A 183 -0.09 12.60 -1.18
CA ARG A 183 1.22 12.17 -0.75
C ARG A 183 1.10 11.13 0.35
N SER A 184 1.96 10.13 0.31
CA SER A 184 2.07 9.13 1.37
C SER A 184 3.21 9.56 2.31
N GLU A 185 4.45 9.23 2.03
CA GLU A 185 5.55 9.92 2.70
C GLU A 185 5.52 11.37 2.18
N PRO A 186 6.17 12.31 2.89
CA PRO A 186 6.10 13.73 2.47
C PRO A 186 6.78 14.01 1.13
N TYR A 187 7.67 13.11 0.71
CA TYR A 187 8.42 13.20 -0.53
C TYR A 187 7.94 12.21 -1.59
N PHE A 188 6.79 11.56 -1.36
CA PHE A 188 6.23 10.66 -2.38
C PHE A 188 4.80 11.11 -2.77
N LEU A 189 4.63 11.52 -4.03
CA LEU A 189 3.31 11.87 -4.55
C LEU A 189 2.72 10.70 -5.34
N GLU A 190 1.69 10.10 -4.74
CA GLU A 190 0.98 8.98 -5.34
C GLU A 190 -0.03 9.44 -6.38
N LEU A 191 0.00 8.76 -7.51
CA LEU A 191 -0.92 9.07 -8.64
C LEU A 191 -1.59 7.75 -9.00
N VAL A 192 -2.84 7.56 -8.56
CA VAL A 192 -3.48 6.24 -8.67
C VAL A 192 -4.89 6.47 -9.20
N PRO A 193 -5.56 5.41 -9.64
CA PRO A 193 -6.88 5.62 -10.27
C PRO A 193 -7.90 6.27 -9.33
N GLN A 194 -8.87 6.96 -9.95
CA GLN A 194 -9.95 7.62 -9.22
C GLN A 194 -10.68 6.69 -8.28
N GLY A 195 -10.88 7.17 -7.06
CA GLY A 195 -11.68 6.49 -6.06
C GLY A 195 -10.86 5.51 -5.21
N ILE A 196 -9.73 5.07 -5.71
CA ILE A 196 -9.00 3.95 -5.11
C ILE A 196 -8.48 4.31 -3.71
N ASP A 197 -8.95 3.62 -2.66
CA ASP A 197 -8.27 3.68 -1.36
C ASP A 197 -8.42 2.37 -0.63
N LYS A 198 -7.72 2.22 0.47
CA LYS A 198 -7.74 0.89 1.12
C LYS A 198 -9.12 0.43 1.56
N ALA A 199 -9.95 1.35 2.07
CA ALA A 199 -11.25 0.89 2.60
C ALA A 199 -12.16 0.50 1.47
N LEU A 200 -12.17 1.27 0.37
CA LEU A 200 -13.02 0.97 -0.76
C LEU A 200 -12.59 -0.39 -1.31
N SER A 201 -11.29 -0.61 -1.43
N SER A 201 -11.27 -0.57 -1.43
CA SER A 201 -10.89 -1.89 -1.98
CA SER A 201 -10.72 -1.84 -1.93
C SER A 201 -11.16 -3.04 -1.01
C SER A 201 -11.11 -3.01 -1.03
N LEU A 202 -10.93 -2.84 0.27
CA LEU A 202 -11.34 -3.82 1.27
C LEU A 202 -12.83 -4.15 1.14
N SER A 203 -13.67 -3.14 0.95
CA SER A 203 -15.10 -3.42 0.84
C SER A 203 -15.41 -4.31 -0.39
N VAL A 204 -14.70 -4.09 -1.51
CA VAL A 204 -14.85 -4.93 -2.70
C VAL A 204 -14.39 -6.37 -2.39
N LEU A 205 -13.28 -6.53 -1.71
CA LEU A 205 -12.84 -7.87 -1.28
C LEU A 205 -13.92 -8.58 -0.45
N LEU A 206 -14.45 -7.89 0.56
CA LEU A 206 -15.42 -8.52 1.44
C LEU A 206 -16.67 -8.95 0.68
N GLU A 207 -17.13 -8.07 -0.21
CA GLU A 207 -18.31 -8.41 -1.00
C GLU A 207 -18.05 -9.64 -1.85
N ASN A 208 -16.85 -9.74 -2.42
CA ASN A 208 -16.48 -10.90 -3.22
C ASN A 208 -16.35 -12.21 -2.44
N ILE A 209 -15.90 -12.15 -1.20
CA ILE A 209 -15.71 -13.36 -0.42
C ILE A 209 -16.86 -13.65 0.55
N GLY A 210 -17.87 -12.81 0.55
CA GLY A 210 -19.05 -13.02 1.37
C GLY A 210 -18.88 -12.75 2.86
N MET A 211 -18.09 -11.75 3.20
N MET A 211 -18.01 -11.81 3.23
CA MET A 211 -17.79 -11.42 4.58
CA MET A 211 -17.77 -11.44 4.62
C MET A 211 -18.30 -10.01 4.87
C MET A 211 -18.33 -10.04 4.87
N THR A 212 -18.60 -9.74 6.14
CA THR A 212 -19.06 -8.38 6.51
C THR A 212 -17.98 -7.64 7.26
N ARG A 213 -18.11 -6.32 7.38
CA ARG A 213 -17.01 -5.57 7.94
C ARG A 213 -16.90 -5.78 9.46
N GLU A 214 -17.98 -6.27 10.09
CA GLU A 214 -17.91 -6.59 11.50
C GLU A 214 -16.98 -7.77 11.76
N GLU A 215 -16.66 -8.53 10.72
CA GLU A 215 -15.81 -9.70 10.85
C GLU A 215 -14.35 -9.39 10.63
N VAL A 216 -14.00 -8.11 10.45
CA VAL A 216 -12.66 -7.70 10.07
C VAL A 216 -11.96 -6.85 11.10
N ILE A 217 -10.67 -7.15 11.30
CA ILE A 217 -9.74 -6.31 12.08
C ILE A 217 -8.86 -5.61 11.07
N ALA A 218 -8.72 -4.27 11.19
CA ALA A 218 -7.74 -3.56 10.36
C ALA A 218 -6.79 -2.82 11.22
N ILE A 219 -5.51 -2.87 10.91
CA ILE A 219 -4.48 -2.24 11.74
C ILE A 219 -3.64 -1.34 10.88
N GLY A 220 -3.45 -0.09 11.30
CA GLY A 220 -2.58 0.82 10.53
C GLY A 220 -2.11 1.99 11.38
N ASP A 221 -1.42 2.92 10.73
CA ASP A 221 -0.74 3.99 11.45
C ASP A 221 -0.99 5.39 10.84
N GLY A 222 -1.01 5.43 9.52
CA GLY A 222 -0.98 6.67 8.76
C GLY A 222 -2.35 7.18 8.43
N TYR A 223 -2.46 8.45 8.01
CA TYR A 223 -3.72 8.97 7.56
C TYR A 223 -4.31 8.17 6.41
N ASN A 224 -3.46 7.55 5.60
CA ASN A 224 -3.98 6.68 4.53
C ASN A 224 -4.62 5.40 5.03
N ASP A 225 -4.51 5.11 6.32
CA ASP A 225 -5.20 3.99 6.92
C ASP A 225 -6.47 4.36 7.69
N LEU A 226 -6.74 5.66 7.81
CA LEU A 226 -7.86 6.14 8.63
C LEU A 226 -9.17 5.49 8.13
N SER A 227 -9.39 5.56 6.81
CA SER A 227 -10.66 5.03 6.29
C SER A 227 -10.86 3.51 6.54
N MET A 228 -9.82 2.69 6.44
CA MET A 228 -10.01 1.29 6.66
C MET A 228 -10.15 0.98 8.17
N ILE A 229 -9.50 1.78 9.02
CA ILE A 229 -9.64 1.57 10.48
C ILE A 229 -11.07 1.92 10.92
N LYS A 230 -11.67 2.93 10.31
CA LYS A 230 -13.08 3.25 10.60
C LYS A 230 -14.02 2.16 10.03
N PHE A 231 -13.72 1.69 8.83
CA PHE A 231 -14.59 0.71 8.15
C PHE A 231 -14.61 -0.65 8.84
N ALA A 232 -13.45 -1.11 9.29
CA ALA A 232 -13.36 -2.40 9.96
C ALA A 232 -14.17 -2.45 11.26
N GLY A 233 -14.72 -3.62 11.59
CA GLY A 233 -15.36 -3.84 12.86
C GLY A 233 -14.47 -3.53 14.04
N MET A 234 -13.22 -3.92 13.93
CA MET A 234 -12.22 -3.64 14.95
C MET A 234 -11.07 -2.91 14.27
N GLY A 235 -11.08 -1.60 14.40
CA GLY A 235 -10.00 -0.74 13.87
C GLY A 235 -8.93 -0.52 14.91
N VAL A 236 -7.68 -0.85 14.58
CA VAL A 236 -6.58 -0.72 15.53
C VAL A 236 -5.54 0.28 15.03
N ALA A 237 -5.24 1.29 15.84
CA ALA A 237 -4.19 2.24 15.53
C ALA A 237 -2.90 1.79 16.18
N MET A 238 -1.81 1.84 15.43
CA MET A 238 -0.49 1.60 16.04
C MET A 238 -0.13 2.68 17.06
N GLY A 239 0.73 2.36 18.02
CA GLY A 239 1.10 3.38 18.98
C GLY A 239 1.81 4.57 18.37
N ASN A 240 2.39 4.38 17.19
CA ASN A 240 3.06 5.45 16.45
C ASN A 240 2.12 6.12 15.43
N ALA A 241 0.83 5.82 15.52
CA ALA A 241 -0.15 6.42 14.57
C ALA A 241 -0.33 7.91 14.84
N GLN A 242 -0.82 8.59 13.79
CA GLN A 242 -1.26 9.97 13.86
C GLN A 242 -2.32 10.09 14.93
N GLU A 243 -2.39 11.21 15.67
CA GLU A 243 -3.39 11.34 16.72
C GLU A 243 -4.87 11.18 16.25
N PRO A 244 -5.26 11.77 15.11
CA PRO A 244 -6.66 11.59 14.70
C PRO A 244 -6.95 10.15 14.32
N VAL A 245 -5.92 9.41 13.91
CA VAL A 245 -6.05 7.97 13.62
C VAL A 245 -6.26 7.21 14.91
N LYS A 246 -5.52 7.56 15.95
CA LYS A 246 -5.74 6.96 17.27
C LYS A 246 -7.15 7.24 17.79
N LYS A 247 -7.63 8.47 17.61
CA LYS A 247 -8.95 8.82 18.11
C LYS A 247 -10.07 8.06 17.38
N ALA A 248 -9.88 7.80 16.09
CA ALA A 248 -10.88 7.09 15.30
C ALA A 248 -10.90 5.60 15.57
N ALA A 249 -9.81 5.05 16.08
CA ALA A 249 -9.65 3.61 16.25
C ALA A 249 -10.48 3.12 17.42
N ASP A 250 -10.75 1.82 17.41
CA ASP A 250 -11.42 1.19 18.53
C ASP A 250 -10.43 0.80 19.59
N TYR A 251 -9.18 0.64 19.20
CA TYR A 251 -8.12 0.18 20.10
C TYR A 251 -6.79 0.77 19.68
N ILE A 252 -5.94 1.14 20.63
CA ILE A 252 -4.61 1.62 20.27
C ILE A 252 -3.61 0.59 20.84
N THR A 253 -2.74 0.12 19.98
CA THR A 253 -1.74 -0.89 20.36
C THR A 253 -0.36 -0.23 20.54
N LEU A 254 0.68 -1.05 20.71
CA LEU A 254 2.05 -0.54 20.91
C LEU A 254 2.61 -0.14 19.55
N THR A 255 3.84 0.39 19.51
CA THR A 255 4.42 0.84 18.25
C THR A 255 4.81 -0.35 17.37
N ASN A 256 5.11 -0.04 16.11
CA ASN A 256 5.57 -1.10 15.19
C ASN A 256 6.80 -1.80 15.73
N ASP A 257 7.73 -1.02 16.28
CA ASP A 257 8.94 -1.56 16.89
C ASP A 257 8.73 -2.43 18.14
N GLU A 258 7.55 -2.25 18.76
N GLU A 258 7.59 -2.28 18.81
CA GLU A 258 7.12 -2.91 19.99
CA GLU A 258 7.30 -3.09 19.99
C GLU A 258 6.20 -4.08 19.66
C GLU A 258 6.21 -4.09 19.65
N ASP A 259 6.18 -4.50 18.39
CA ASP A 259 5.33 -5.64 17.99
C ASP A 259 3.88 -5.34 18.23
N GLY A 260 3.46 -4.12 17.91
CA GLY A 260 2.07 -3.73 18.17
C GLY A 260 1.07 -4.60 17.43
N VAL A 261 1.43 -5.10 16.27
CA VAL A 261 0.51 -6.00 15.55
C VAL A 261 0.29 -7.29 16.38
N ALA A 262 1.36 -7.98 16.83
CA ALA A 262 1.21 -9.23 17.59
C ALA A 262 0.50 -8.95 18.91
N GLU A 263 0.81 -7.80 19.53
CA GLU A 263 0.21 -7.51 20.84
C GLU A 263 -1.30 -7.35 20.73
N ALA A 264 -1.78 -6.75 19.63
CA ALA A 264 -3.21 -6.61 19.43
C ALA A 264 -3.82 -7.99 19.11
N ILE A 265 -3.18 -8.74 18.20
CA ILE A 265 -3.75 -10.02 17.76
C ILE A 265 -3.85 -10.98 18.92
N GLU A 266 -2.83 -11.03 19.77
CA GLU A 266 -2.83 -11.92 20.90
C GLU A 266 -3.86 -11.59 21.99
N ARG A 267 -4.33 -10.35 22.03
CA ARG A 267 -5.34 -9.92 22.99
C ARG A 267 -6.71 -10.26 22.44
N ILE A 268 -6.82 -10.36 21.12
CA ILE A 268 -8.12 -10.64 20.50
C ILE A 268 -8.37 -12.14 20.33
N PHE A 269 -7.35 -12.91 19.98
CA PHE A 269 -7.46 -14.32 19.68
C PHE A 269 -6.65 -15.15 20.68
N ASN A 270 -6.93 -16.46 20.79
CA ASN A 270 -6.05 -17.28 21.60
C ASN A 270 -5.10 -18.07 20.71
N VAL A 271 -3.87 -17.58 20.58
CA VAL A 271 -2.92 -18.23 19.68
C VAL A 271 -2.13 -19.34 20.35
MG MG B . 1.84 2.93 7.37
C1 GOL C . 5.41 4.90 -2.62
O1 GOL C . 5.22 4.13 -3.80
C2 GOL C . 4.90 4.03 -1.49
O2 GOL C . 3.47 3.92 -1.60
C3 GOL C . 5.54 2.67 -1.63
O3 GOL C . 6.87 2.74 -1.12
#